data_2XYX
#
_entry.id   2XYX
#
_cell.length_a   39.471
_cell.length_b   93.213
_cell.length_c   97.422
_cell.angle_alpha   90.00
_cell.angle_beta   97.66
_cell.angle_gamma   90.00
#
_symmetry.space_group_name_H-M   'P 1 21 1'
#
loop_
_entity.id
_entity.type
_entity.pdbx_description
1 polymer 'PEROXISOME PROLIFERATOR-ACTIVATED RECEPTOR DELTA'
2 non-polymer 4-[2-[[3-CHLORO-5-(TRIFLUOROMETHYL)PYRIDIN-2-YL]AMINO]ETHYL]-N-(5-PROPAN-2-YL-1,3,4-THIADIAZOL-2-YL)BENZENESULFONAMIDE
3 non-polymer 'octyl beta-D-glucopyranoside'
4 water water
#
_entity_poly.entity_id   1
_entity_poly.type   'polypeptide(L)'
_entity_poly.pdbx_seq_one_letter_code
;MKKGHHHHHHGGSQYNPQVADLKAFSKHIYNAYLKNFNMTKKKARSILTGKASHTAPFVIHDIETLWQAEKGLVWKQLVN
GLPPYKEISVHVFYRCQCTTVETVRELTEFAKSIPSFSSLFLNDQVTLLKYGVHEAIFAMLASIVNKDGLLVANGSGFVT
REFLRSLRKPFSDIIEPKFEFAVKFNALELDDSDLALFIAAIILCGDRPGLMNVPRVEAIQDTILRALEFHLQANHPDAQ
YLFPKLLQKMADLRQLVTEHAQMMQRIKKTETETSLHPLLQEIYKDMY
;
_entity_poly.pdbx_strand_id   A,B
#
loop_
_chem_comp.id
_chem_comp.type
_chem_comp.name
_chem_comp.formula
BOG D-saccharide 'octyl beta-D-glucopyranoside' 'C14 H28 O6'
Z00 non-polymer 4-[2-[[3-CHLORO-5-(TRIFLUOROMETHYL)PYRIDIN-2-YL]AMINO]ETHYL]-N-(5-PROPAN-2-YL-1,3,4-THIADIAZOL-2-YL)BENZENESULFONAMIDE 'C19 H19 Cl F3 N5 O2 S2'
#
# COMPACT_ATOMS: atom_id res chain seq x y z
N LYS A 23 -2.01 5.94 -2.16
CA LYS A 23 -2.16 5.52 -0.76
C LYS A 23 -3.36 6.22 -0.09
N ALA A 24 -3.42 7.56 -0.22
CA ALA A 24 -4.48 8.41 0.33
C ALA A 24 -5.64 8.60 -0.68
N PHE A 25 -5.33 8.41 -1.99
CA PHE A 25 -6.26 8.50 -3.12
C PHE A 25 -7.34 7.42 -2.99
N SER A 26 -6.89 6.18 -2.70
CA SER A 26 -7.72 5.00 -2.47
C SER A 26 -8.65 5.21 -1.26
N LYS A 27 -8.14 5.90 -0.21
CA LYS A 27 -8.90 6.24 1.00
C LYS A 27 -9.95 7.31 0.70
N HIS A 28 -9.62 8.26 -0.20
CA HIS A 28 -10.50 9.36 -0.61
C HIS A 28 -11.67 8.84 -1.45
N ILE A 29 -11.40 7.93 -2.40
CA ILE A 29 -12.39 7.30 -3.28
C ILE A 29 -13.40 6.50 -2.45
N TYR A 30 -12.89 5.70 -1.48
CA TYR A 30 -13.72 4.90 -0.58
C TYR A 30 -14.64 5.76 0.29
N ASN A 31 -14.13 6.88 0.80
CA ASN A 31 -14.99 7.75 1.61
C ASN A 31 -16.16 8.28 0.77
N ALA A 32 -15.86 8.80 -0.45
CA ALA A 32 -16.81 9.35 -1.43
C ALA A 32 -17.91 8.34 -1.76
N TYR A 33 -17.55 7.05 -1.81
CA TYR A 33 -18.43 5.92 -2.06
C TYR A 33 -19.37 5.79 -0.85
N LEU A 34 -18.79 5.64 0.38
CA LEU A 34 -19.54 5.54 1.64
C LEU A 34 -20.45 6.75 1.87
N LYS A 35 -20.01 7.95 1.47
CA LYS A 35 -20.71 9.22 1.62
C LYS A 35 -21.91 9.33 0.65
N ASN A 36 -21.82 8.71 -0.53
CA ASN A 36 -22.86 8.86 -1.55
C ASN A 36 -23.81 7.71 -1.77
N PHE A 37 -23.37 6.47 -1.61
CA PHE A 37 -24.26 5.34 -1.84
C PHE A 37 -25.12 4.98 -0.65
N ASN A 38 -26.42 4.81 -0.91
CA ASN A 38 -27.40 4.50 0.11
C ASN A 38 -27.21 3.11 0.75
N MET A 39 -26.63 2.15 0.00
CA MET A 39 -26.46 0.77 0.48
C MET A 39 -25.11 0.13 0.08
N THR A 40 -24.36 -0.35 1.09
CA THR A 40 -23.05 -1.00 0.92
C THR A 40 -23.25 -2.49 0.60
N LYS A 41 -22.18 -3.16 0.14
CA LYS A 41 -22.24 -4.59 -0.10
C LYS A 41 -22.25 -5.31 1.26
N LYS A 42 -21.61 -4.71 2.31
CA LYS A 42 -21.62 -5.28 3.67
C LYS A 42 -23.04 -5.30 4.20
N LYS A 43 -23.77 -4.15 4.10
CA LYS A 43 -25.16 -4.08 4.55
C LYS A 43 -26.02 -5.07 3.76
N ALA A 44 -25.90 -5.09 2.42
CA ALA A 44 -26.66 -5.98 1.56
C ALA A 44 -26.43 -7.46 1.83
N ARG A 45 -25.16 -7.87 2.02
CA ARG A 45 -24.83 -9.27 2.29
C ARG A 45 -25.31 -9.80 3.65
N SER A 46 -25.27 -8.93 4.70
CA SER A 46 -25.72 -9.29 6.04
C SER A 46 -27.23 -9.55 6.06
N ILE A 47 -28.01 -8.78 5.27
CA ILE A 47 -29.46 -8.96 5.15
C ILE A 47 -29.75 -10.27 4.41
N LEU A 48 -29.09 -10.48 3.26
CA LEU A 48 -29.24 -11.64 2.40
C LEU A 48 -28.92 -12.94 3.12
N THR A 49 -27.89 -12.94 3.98
CA THR A 49 -27.50 -14.14 4.74
C THR A 49 -28.32 -14.26 6.03
N GLY A 50 -28.30 -13.21 6.87
CA GLY A 50 -29.00 -13.16 8.15
C GLY A 50 -28.20 -12.49 9.26
N LYS A 51 -28.93 -12.06 10.32
CA LYS A 51 -28.43 -11.41 11.54
C LYS A 51 -27.61 -10.14 11.28
N ALA A 56 -35.36 -9.55 8.54
CA ALA A 56 -35.83 -10.49 7.53
C ALA A 56 -36.67 -9.77 6.45
N PRO A 57 -36.16 -9.63 5.19
CA PRO A 57 -36.92 -8.90 4.17
C PRO A 57 -38.21 -9.57 3.69
N PHE A 58 -39.22 -8.73 3.39
CA PHE A 58 -40.52 -9.14 2.88
C PHE A 58 -40.40 -9.63 1.44
N VAL A 59 -40.66 -10.92 1.24
CA VAL A 59 -40.56 -11.56 -0.07
C VAL A 59 -41.71 -11.15 -1.00
N ILE A 60 -41.36 -10.61 -2.19
CA ILE A 60 -42.29 -10.24 -3.28
C ILE A 60 -42.17 -11.37 -4.33
N HIS A 61 -43.28 -12.05 -4.63
CA HIS A 61 -43.28 -13.19 -5.55
C HIS A 61 -44.52 -13.27 -6.46
N ASP A 62 -45.52 -12.38 -6.21
CA ASP A 62 -46.78 -12.29 -6.95
C ASP A 62 -47.42 -10.91 -6.73
N ILE A 63 -48.61 -10.65 -7.34
CA ILE A 63 -49.36 -9.39 -7.22
C ILE A 63 -49.75 -9.06 -5.78
N GLU A 64 -50.23 -10.06 -5.02
CA GLU A 64 -50.68 -9.87 -3.64
C GLU A 64 -49.56 -9.33 -2.75
N THR A 65 -48.34 -9.93 -2.86
CA THR A 65 -47.17 -9.50 -2.09
C THR A 65 -46.64 -8.17 -2.60
N LEU A 66 -46.70 -7.94 -3.93
CA LEU A 66 -46.25 -6.69 -4.54
C LEU A 66 -47.13 -5.55 -4.05
N TRP A 67 -48.47 -5.80 -3.93
CA TRP A 67 -49.44 -4.82 -3.43
C TRP A 67 -49.23 -4.58 -1.95
N GLN A 68 -48.89 -5.64 -1.19
CA GLN A 68 -48.62 -5.62 0.25
C GLN A 68 -47.40 -4.76 0.54
N ALA A 69 -46.34 -4.92 -0.28
CA ALA A 69 -45.07 -4.18 -0.22
C ALA A 69 -45.32 -2.69 -0.43
N GLU A 70 -46.21 -2.35 -1.37
CA GLU A 70 -46.61 -0.97 -1.67
C GLU A 70 -47.30 -0.32 -0.47
N LYS A 71 -48.11 -1.10 0.26
CA LYS A 71 -48.81 -0.66 1.47
C LYS A 71 -47.88 -0.63 2.69
N GLY A 72 -47.26 -1.78 3.00
CA GLY A 72 -46.36 -1.98 4.13
C GLY A 72 -45.01 -1.30 4.09
N LEU A 73 -44.12 -1.72 3.16
CA LEU A 73 -42.73 -1.26 3.02
C LEU A 73 -42.53 0.24 2.81
N VAL A 74 -41.40 0.78 3.30
CA VAL A 74 -41.04 2.19 3.14
C VAL A 74 -40.12 2.29 1.92
N TRP A 75 -40.59 3.00 0.89
CA TRP A 75 -39.88 3.19 -0.38
C TRP A 75 -39.38 4.65 -0.48
N LYS A 76 -38.40 4.91 -1.38
CA LYS A 76 -37.85 6.26 -1.62
C LYS A 76 -38.82 7.07 -2.48
N GLN A 77 -39.18 6.57 -3.67
CA GLN A 77 -40.17 7.23 -4.51
C GLN A 77 -41.52 6.64 -4.16
N LEU A 78 -42.38 7.47 -3.56
CA LEU A 78 -43.73 7.09 -3.15
C LEU A 78 -44.56 6.84 -4.41
N VAL A 79 -45.48 5.85 -4.32
CA VAL A 79 -46.37 5.41 -5.41
C VAL A 79 -47.04 6.54 -6.21
N ASN A 80 -47.44 7.63 -5.51
CA ASN A 80 -48.10 8.79 -6.10
C ASN A 80 -47.22 9.59 -7.07
N GLY A 81 -45.90 9.45 -6.92
CA GLY A 81 -44.90 10.11 -7.77
C GLY A 81 -44.58 9.40 -9.08
N LEU A 82 -44.91 8.10 -9.15
CA LEU A 82 -44.70 7.23 -10.32
C LEU A 82 -45.65 7.61 -11.47
N PRO A 83 -45.36 7.26 -12.76
CA PRO A 83 -46.33 7.58 -13.82
C PRO A 83 -47.67 6.85 -13.61
N PRO A 84 -48.81 7.35 -14.19
CA PRO A 84 -50.11 6.70 -13.94
C PRO A 84 -50.12 5.18 -14.11
N TYR A 85 -50.82 4.47 -13.20
CA TYR A 85 -50.92 3.02 -13.21
C TYR A 85 -51.45 2.46 -14.53
N LYS A 86 -50.81 1.38 -15.03
CA LYS A 86 -51.17 0.72 -16.27
C LYS A 86 -51.47 -0.74 -15.96
N GLU A 87 -50.43 -1.50 -15.54
CA GLU A 87 -50.48 -2.93 -15.22
C GLU A 87 -49.27 -3.35 -14.40
N ILE A 88 -49.32 -4.55 -13.82
CA ILE A 88 -48.27 -5.16 -13.01
C ILE A 88 -46.85 -5.06 -13.60
N SER A 89 -46.62 -5.57 -14.84
CA SER A 89 -45.32 -5.57 -15.52
C SER A 89 -44.73 -4.16 -15.75
N VAL A 90 -45.62 -3.20 -16.10
CA VAL A 90 -45.27 -1.79 -16.32
C VAL A 90 -45.01 -1.06 -14.99
N HIS A 91 -45.68 -1.48 -13.90
CA HIS A 91 -45.45 -0.94 -12.55
C HIS A 91 -44.03 -1.29 -12.06
N VAL A 92 -43.58 -2.55 -12.29
CA VAL A 92 -42.24 -3.05 -11.92
C VAL A 92 -41.18 -2.28 -12.75
N PHE A 93 -41.48 -2.09 -14.05
CA PHE A 93 -40.63 -1.35 -14.98
C PHE A 93 -40.45 0.08 -14.51
N TYR A 94 -41.53 0.72 -14.03
CA TYR A 94 -41.51 2.07 -13.47
C TYR A 94 -40.71 2.13 -12.17
N ARG A 95 -40.88 1.14 -11.29
CA ARG A 95 -40.13 1.03 -10.03
C ARG A 95 -38.62 0.90 -10.29
N CYS A 96 -38.26 0.16 -11.36
CA CYS A 96 -36.88 -0.02 -11.80
C CYS A 96 -36.32 1.29 -12.32
N GLN A 97 -37.15 2.03 -13.09
CA GLN A 97 -36.84 3.31 -13.73
C GLN A 97 -36.48 4.39 -12.71
N CYS A 98 -37.18 4.43 -11.57
CA CYS A 98 -36.88 5.37 -10.51
C CYS A 98 -35.58 5.03 -9.83
N THR A 99 -35.39 3.75 -9.47
CA THR A 99 -34.16 3.24 -8.84
C THR A 99 -32.94 3.55 -9.71
N THR A 100 -33.05 3.37 -11.04
CA THR A 100 -32.00 3.64 -12.02
C THR A 100 -31.63 5.13 -11.95
N VAL A 101 -32.61 6.02 -12.10
CA VAL A 101 -32.42 7.47 -12.06
C VAL A 101 -31.83 7.97 -10.72
N GLU A 102 -32.26 7.40 -9.60
CA GLU A 102 -31.73 7.75 -8.28
C GLU A 102 -30.27 7.32 -8.15
N THR A 103 -29.90 6.15 -8.71
CA THR A 103 -28.51 5.66 -8.69
C THR A 103 -27.66 6.57 -9.55
N VAL A 104 -28.22 7.07 -10.67
CA VAL A 104 -27.57 8.02 -11.60
C VAL A 104 -27.22 9.32 -10.82
N ARG A 105 -28.15 9.80 -9.94
CA ARG A 105 -27.95 10.99 -9.10
C ARG A 105 -26.82 10.75 -8.10
N GLU A 106 -26.82 9.57 -7.41
CA GLU A 106 -25.79 9.17 -6.45
C GLU A 106 -24.41 9.05 -7.13
N LEU A 107 -24.37 8.48 -8.36
CA LEU A 107 -23.15 8.31 -9.19
C LEU A 107 -22.57 9.62 -9.68
N THR A 108 -23.43 10.65 -9.93
CA THR A 108 -23.03 12.00 -10.34
C THR A 108 -22.30 12.67 -9.15
N GLU A 109 -22.83 12.49 -7.91
CA GLU A 109 -22.22 13.03 -6.70
C GLU A 109 -20.94 12.33 -6.35
N PHE A 110 -20.87 11.01 -6.58
CA PHE A 110 -19.67 10.21 -6.33
C PHE A 110 -18.53 10.67 -7.27
N ALA A 111 -18.83 10.86 -8.56
CA ALA A 111 -17.92 11.29 -9.60
C ALA A 111 -17.38 12.67 -9.27
N LYS A 112 -18.25 13.62 -8.88
CA LYS A 112 -17.85 14.98 -8.48
C LYS A 112 -16.83 14.94 -7.33
N SER A 113 -17.06 14.00 -6.37
CA SER A 113 -16.22 13.75 -5.18
C SER A 113 -14.78 13.28 -5.50
N ILE A 114 -14.50 12.90 -6.78
CA ILE A 114 -13.15 12.60 -7.30
C ILE A 114 -12.59 14.03 -7.65
N PRO A 115 -11.43 14.46 -7.10
CA PRO A 115 -10.98 15.86 -7.33
C PRO A 115 -10.66 16.23 -8.79
N SER A 116 -10.06 15.28 -9.52
CA SER A 116 -9.65 15.36 -10.91
C SER A 116 -10.83 15.45 -11.89
N PHE A 117 -11.93 14.70 -11.63
CA PHE A 117 -13.15 14.65 -12.44
C PHE A 117 -13.84 16.03 -12.56
N SER A 118 -13.92 16.78 -11.45
CA SER A 118 -14.57 18.09 -11.42
C SER A 118 -13.79 19.19 -12.17
N SER A 119 -12.50 18.96 -12.42
CA SER A 119 -11.61 19.86 -13.17
C SER A 119 -11.89 19.76 -14.69
N LEU A 120 -12.56 18.68 -15.13
CA LEU A 120 -12.91 18.48 -16.54
C LEU A 120 -14.08 19.38 -16.89
N PHE A 121 -14.16 19.83 -18.15
CA PHE A 121 -15.27 20.67 -18.60
C PHE A 121 -16.55 19.87 -18.47
N LEU A 122 -17.60 20.50 -17.95
CA LEU A 122 -18.91 19.92 -17.66
C LEU A 122 -19.51 19.01 -18.74
N ASN A 123 -19.25 19.32 -20.03
CA ASN A 123 -19.71 18.51 -21.17
C ASN A 123 -18.99 17.15 -21.22
N ASP A 124 -17.69 17.13 -20.83
CA ASP A 124 -16.91 15.91 -20.75
C ASP A 124 -17.36 15.08 -19.54
N GLN A 125 -17.79 15.76 -18.46
CA GLN A 125 -18.31 15.13 -17.24
C GLN A 125 -19.58 14.37 -17.60
N VAL A 126 -20.45 15.00 -18.40
CA VAL A 126 -21.70 14.45 -18.93
C VAL A 126 -21.42 13.27 -19.84
N THR A 127 -20.45 13.38 -20.76
CA THR A 127 -20.07 12.31 -21.69
C THR A 127 -19.67 11.02 -20.93
N LEU A 128 -18.87 11.17 -19.89
CA LEU A 128 -18.39 10.06 -19.06
C LEU A 128 -19.56 9.40 -18.34
N LEU A 129 -20.44 10.21 -17.76
CA LEU A 129 -21.63 9.76 -17.08
C LEU A 129 -22.66 9.13 -18.03
N LYS A 130 -22.86 9.70 -19.23
CA LYS A 130 -23.81 9.17 -20.22
C LYS A 130 -23.46 7.71 -20.64
N TYR A 131 -22.16 7.37 -20.66
CA TYR A 131 -21.68 6.04 -21.07
C TYR A 131 -21.26 5.08 -19.94
N GLY A 132 -20.78 5.62 -18.82
CA GLY A 132 -20.34 4.79 -17.69
C GLY A 132 -21.41 4.46 -16.67
N VAL A 133 -22.45 5.28 -16.61
CA VAL A 133 -23.49 5.13 -15.63
C VAL A 133 -24.15 3.75 -15.53
N HIS A 134 -24.65 3.18 -16.64
CA HIS A 134 -25.29 1.86 -16.63
C HIS A 134 -24.30 0.76 -16.33
N GLU A 135 -23.03 0.95 -16.76
CA GLU A 135 -21.93 0.01 -16.51
C GLU A 135 -21.70 -0.08 -14.98
N ALA A 136 -21.63 1.10 -14.31
CA ALA A 136 -21.47 1.21 -12.86
C ALA A 136 -22.69 0.62 -12.14
N ILE A 137 -23.92 1.00 -12.57
CA ILE A 137 -25.17 0.49 -12.01
C ILE A 137 -25.16 -1.05 -11.94
N PHE A 138 -24.86 -1.73 -13.06
CA PHE A 138 -24.85 -3.19 -13.13
C PHE A 138 -23.78 -3.85 -12.24
N ALA A 139 -22.62 -3.20 -12.07
CA ALA A 139 -21.57 -3.68 -11.17
C ALA A 139 -22.07 -3.63 -9.72
N MET A 140 -22.77 -2.54 -9.31
CA MET A 140 -23.33 -2.31 -7.96
C MET A 140 -24.57 -3.16 -7.70
N LEU A 141 -25.31 -3.50 -8.77
CA LEU A 141 -26.50 -4.34 -8.72
C LEU A 141 -26.12 -5.71 -8.16
N ALA A 142 -24.92 -6.22 -8.50
CA ALA A 142 -24.40 -7.51 -8.02
C ALA A 142 -24.39 -7.60 -6.48
N SER A 143 -24.14 -6.47 -5.77
CA SER A 143 -24.13 -6.38 -4.31
C SER A 143 -25.50 -6.72 -3.65
N ILE A 144 -26.62 -6.30 -4.28
CA ILE A 144 -27.97 -6.57 -3.77
C ILE A 144 -28.64 -7.83 -4.39
N VAL A 145 -27.92 -8.54 -5.27
CA VAL A 145 -28.41 -9.68 -6.05
C VAL A 145 -27.75 -11.00 -5.66
N ASN A 146 -28.60 -12.04 -5.62
CA ASN A 146 -28.23 -13.43 -5.44
C ASN A 146 -28.99 -14.24 -6.53
N LYS A 147 -28.73 -15.55 -6.62
CA LYS A 147 -29.31 -16.48 -7.60
C LYS A 147 -30.85 -16.53 -7.63
N ASP A 148 -31.49 -16.24 -6.49
CA ASP A 148 -32.93 -16.37 -6.34
C ASP A 148 -33.73 -15.07 -6.42
N GLY A 149 -33.02 -13.94 -6.41
CA GLY A 149 -33.63 -12.63 -6.51
C GLY A 149 -32.75 -11.51 -6.01
N LEU A 150 -33.36 -10.36 -5.71
CA LEU A 150 -32.66 -9.18 -5.23
C LEU A 150 -33.40 -8.38 -4.15
N LEU A 151 -32.63 -7.58 -3.38
CA LEU A 151 -33.14 -6.69 -2.33
C LEU A 151 -33.79 -5.47 -2.92
N VAL A 152 -34.91 -5.02 -2.33
CA VAL A 152 -35.62 -3.80 -2.71
C VAL A 152 -35.93 -2.97 -1.45
N ALA A 153 -36.55 -1.79 -1.62
CA ALA A 153 -36.95 -0.85 -0.55
C ALA A 153 -35.95 -0.81 0.60
N ASN A 154 -34.71 -0.35 0.31
CA ASN A 154 -33.59 -0.20 1.25
C ASN A 154 -33.29 -1.47 2.09
N GLY A 155 -33.45 -2.63 1.49
CA GLY A 155 -33.23 -3.91 2.16
C GLY A 155 -34.44 -4.50 2.86
N SER A 156 -35.55 -3.72 2.97
CA SER A 156 -36.81 -4.14 3.64
C SER A 156 -37.51 -5.31 2.93
N GLY A 157 -37.41 -5.35 1.59
CA GLY A 157 -38.04 -6.34 0.74
C GLY A 157 -37.08 -7.12 -0.14
N PHE A 158 -37.56 -8.27 -0.67
CA PHE A 158 -36.78 -9.15 -1.54
C PHE A 158 -37.66 -9.67 -2.68
N VAL A 159 -37.41 -9.19 -3.93
CA VAL A 159 -38.16 -9.59 -5.12
C VAL A 159 -37.55 -10.87 -5.70
N THR A 160 -38.37 -11.90 -5.94
CA THR A 160 -37.84 -13.14 -6.50
C THR A 160 -37.61 -13.03 -7.99
N ARG A 161 -36.64 -13.79 -8.46
CA ARG A 161 -36.22 -13.87 -9.86
C ARG A 161 -37.32 -14.51 -10.71
N GLU A 162 -38.01 -15.54 -10.17
CA GLU A 162 -39.10 -16.25 -10.84
C GLU A 162 -40.32 -15.36 -11.06
N PHE A 163 -40.57 -14.42 -10.11
CA PHE A 163 -41.66 -13.43 -10.27
C PHE A 163 -41.34 -12.50 -11.43
N LEU A 164 -40.07 -12.10 -11.59
CA LEU A 164 -39.68 -11.20 -12.68
C LEU A 164 -39.80 -11.93 -14.01
N ARG A 165 -39.51 -13.26 -13.96
CA ARG A 165 -39.61 -14.23 -15.05
C ARG A 165 -41.08 -14.39 -15.50
N SER A 166 -42.04 -14.18 -14.57
CA SER A 166 -43.50 -14.31 -14.78
C SER A 166 -44.20 -13.08 -15.37
N LEU A 167 -43.46 -11.97 -15.56
CA LEU A 167 -44.04 -10.77 -16.14
C LEU A 167 -44.21 -10.94 -17.66
N ARG A 168 -45.02 -10.10 -18.31
CA ARG A 168 -45.23 -10.21 -19.76
C ARG A 168 -44.04 -9.71 -20.58
N LYS A 169 -43.81 -10.33 -21.74
CA LYS A 169 -42.73 -9.95 -22.64
C LYS A 169 -43.04 -8.56 -23.23
N PRO A 170 -42.04 -7.67 -23.38
CA PRO A 170 -40.59 -7.87 -23.17
C PRO A 170 -40.05 -7.63 -21.75
N PHE A 171 -40.92 -7.25 -20.79
CA PHE A 171 -40.52 -6.96 -19.40
C PHE A 171 -39.86 -8.13 -18.66
N SER A 172 -40.26 -9.36 -18.97
CA SER A 172 -39.67 -10.55 -18.36
C SER A 172 -38.27 -10.87 -18.88
N ASP A 173 -37.85 -10.20 -19.98
CA ASP A 173 -36.55 -10.41 -20.66
C ASP A 173 -35.46 -9.38 -20.35
N ILE A 174 -35.76 -8.36 -19.55
CA ILE A 174 -34.78 -7.32 -19.29
C ILE A 174 -33.70 -7.72 -18.27
N ILE A 175 -34.13 -8.15 -17.08
CA ILE A 175 -33.27 -8.45 -15.94
C ILE A 175 -32.46 -9.74 -16.00
N GLU A 176 -32.84 -10.72 -16.85
CA GLU A 176 -32.09 -11.98 -16.96
C GLU A 176 -30.55 -11.88 -17.21
N PRO A 177 -30.04 -11.09 -18.19
CA PRO A 177 -28.57 -11.00 -18.34
C PRO A 177 -27.82 -10.29 -17.19
N LYS A 178 -28.54 -9.53 -16.36
CA LYS A 178 -27.97 -8.84 -15.20
C LYS A 178 -27.62 -9.89 -14.16
N PHE A 179 -28.56 -10.85 -13.94
CA PHE A 179 -28.41 -11.97 -13.00
C PHE A 179 -27.20 -12.85 -13.35
N GLU A 180 -27.10 -13.23 -14.65
CA GLU A 180 -26.02 -14.03 -15.24
C GLU A 180 -24.63 -13.35 -15.01
N PHE A 181 -24.59 -11.99 -14.99
CA PHE A 181 -23.40 -11.19 -14.70
C PHE A 181 -23.13 -11.19 -13.19
N ALA A 182 -24.16 -10.82 -12.40
CA ALA A 182 -24.11 -10.70 -10.93
C ALA A 182 -23.59 -11.94 -10.18
N VAL A 183 -24.00 -13.13 -10.59
CA VAL A 183 -23.58 -14.38 -9.94
C VAL A 183 -22.08 -14.63 -10.22
N LYS A 184 -21.64 -14.44 -11.48
CA LYS A 184 -20.23 -14.56 -11.90
C LYS A 184 -19.36 -13.47 -11.22
N PHE A 185 -19.88 -12.24 -11.10
CA PHE A 185 -19.18 -11.11 -10.47
C PHE A 185 -19.02 -11.29 -8.95
N ASN A 186 -20.05 -11.83 -8.28
CA ASN A 186 -20.03 -12.07 -6.83
C ASN A 186 -19.07 -13.22 -6.45
N ALA A 187 -18.67 -14.04 -7.45
CA ALA A 187 -17.71 -15.14 -7.27
C ALA A 187 -16.32 -14.58 -6.94
N LEU A 188 -16.03 -13.32 -7.34
CA LEU A 188 -14.77 -12.63 -7.07
C LEU A 188 -14.62 -12.20 -5.60
N GLU A 189 -15.76 -12.10 -4.88
CA GLU A 189 -15.84 -11.69 -3.47
C GLU A 189 -15.15 -10.35 -3.18
N LEU A 190 -15.52 -9.32 -3.94
CA LEU A 190 -14.96 -7.98 -3.75
C LEU A 190 -15.74 -7.30 -2.65
N ASP A 191 -15.12 -6.34 -1.99
CA ASP A 191 -15.82 -5.60 -0.95
C ASP A 191 -15.96 -4.11 -1.37
N ASP A 192 -16.60 -3.29 -0.51
CA ASP A 192 -16.89 -1.88 -0.74
C ASP A 192 -15.69 -0.99 -1.09
N SER A 193 -14.50 -1.30 -0.55
CA SER A 193 -13.28 -0.55 -0.81
C SER A 193 -12.68 -0.88 -2.19
N ASP A 194 -13.00 -2.08 -2.73
CA ASP A 194 -12.56 -2.50 -4.06
C ASP A 194 -13.52 -1.86 -5.07
N LEU A 195 -14.84 -1.95 -4.78
CA LEU A 195 -15.91 -1.42 -5.60
C LEU A 195 -15.81 0.09 -5.83
N ALA A 196 -15.41 0.86 -4.79
CA ALA A 196 -15.20 2.31 -4.89
C ALA A 196 -14.26 2.65 -6.03
N LEU A 197 -13.12 1.92 -6.14
CA LEU A 197 -12.13 2.09 -7.21
C LEU A 197 -12.58 1.51 -8.55
N PHE A 198 -13.30 0.38 -8.54
CA PHE A 198 -13.83 -0.26 -9.74
C PHE A 198 -14.82 0.68 -10.45
N ILE A 199 -15.76 1.24 -9.70
CA ILE A 199 -16.79 2.17 -10.20
C ILE A 199 -16.15 3.44 -10.71
N ALA A 200 -15.11 3.92 -10.02
CA ALA A 200 -14.36 5.13 -10.39
C ALA A 200 -13.70 4.93 -11.76
N ALA A 201 -13.11 3.73 -11.99
CA ALA A 201 -12.42 3.36 -13.22
C ALA A 201 -13.36 3.25 -14.41
N ILE A 202 -14.59 2.76 -14.18
CA ILE A 202 -15.67 2.64 -15.17
C ILE A 202 -16.05 4.05 -15.70
N ILE A 203 -16.39 5.00 -14.77
CA ILE A 203 -16.79 6.39 -15.08
C ILE A 203 -15.69 7.13 -15.87
N LEU A 204 -14.44 7.04 -15.38
CA LEU A 204 -13.31 7.70 -16.01
C LEU A 204 -12.65 6.81 -17.04
N CYS A 205 -13.26 6.75 -18.22
CA CYS A 205 -12.88 5.94 -19.38
C CYS A 205 -12.64 6.87 -20.59
N GLY A 206 -11.45 6.78 -21.18
CA GLY A 206 -11.06 7.59 -22.34
C GLY A 206 -11.55 7.13 -23.71
N ASP A 207 -12.24 5.96 -23.78
CA ASP A 207 -12.78 5.37 -25.00
C ASP A 207 -14.19 5.91 -25.36
N ARG A 208 -14.74 6.82 -24.53
CA ARG A 208 -16.08 7.33 -24.76
C ARG A 208 -16.24 8.24 -25.99
N PRO A 209 -17.29 7.99 -26.80
CA PRO A 209 -17.50 8.83 -28.00
C PRO A 209 -17.88 10.28 -27.70
N GLY A 210 -17.25 11.18 -28.45
CA GLY A 210 -17.45 12.62 -28.36
C GLY A 210 -16.67 13.28 -27.25
N LEU A 211 -15.64 12.60 -26.72
CA LEU A 211 -14.81 13.15 -25.63
C LEU A 211 -13.90 14.24 -26.18
N MET A 212 -13.89 15.38 -25.50
CA MET A 212 -13.13 16.55 -25.88
C MET A 212 -11.64 16.37 -25.53
N ASN A 213 -11.33 16.28 -24.22
CA ASN A 213 -9.97 16.14 -23.71
C ASN A 213 -9.72 14.69 -23.28
N VAL A 214 -9.53 13.80 -24.28
CA VAL A 214 -9.28 12.39 -24.05
C VAL A 214 -7.95 12.12 -23.31
N PRO A 215 -6.80 12.80 -23.61
CA PRO A 215 -5.58 12.55 -22.82
C PRO A 215 -5.71 12.80 -21.32
N ARG A 216 -6.46 13.86 -20.89
CA ARG A 216 -6.69 14.17 -19.46
C ARG A 216 -7.53 13.10 -18.74
N VAL A 217 -8.58 12.56 -19.40
CA VAL A 217 -9.42 11.50 -18.83
C VAL A 217 -8.59 10.22 -18.71
N GLU A 218 -7.71 9.95 -19.70
CA GLU A 218 -6.80 8.79 -19.67
C GLU A 218 -5.83 8.91 -18.48
N ALA A 219 -5.35 10.15 -18.21
CA ALA A 219 -4.44 10.48 -17.10
C ALA A 219 -5.09 10.08 -15.74
N ILE A 220 -6.37 10.46 -15.53
CA ILE A 220 -7.14 10.14 -14.33
C ILE A 220 -7.35 8.63 -14.23
N GLN A 221 -7.79 8.00 -15.33
CA GLN A 221 -8.00 6.56 -15.45
C GLN A 221 -6.79 5.77 -14.96
N ASP A 222 -5.59 6.13 -15.48
CA ASP A 222 -4.35 5.45 -15.14
C ASP A 222 -4.07 5.46 -13.63
N THR A 223 -4.24 6.62 -12.99
CA THR A 223 -4.06 6.78 -11.56
C THR A 223 -5.03 5.88 -10.80
N ILE A 224 -6.30 5.83 -11.24
CA ILE A 224 -7.37 5.01 -10.61
C ILE A 224 -7.03 3.54 -10.75
N LEU A 225 -6.61 3.10 -11.96
CA LEU A 225 -6.25 1.72 -12.24
C LEU A 225 -5.01 1.29 -11.46
N ARG A 226 -4.05 2.22 -11.28
CA ARG A 226 -2.83 2.01 -10.49
C ARG A 226 -3.20 1.87 -9.02
N ALA A 227 -4.12 2.71 -8.54
CA ALA A 227 -4.65 2.70 -7.17
C ALA A 227 -5.40 1.39 -6.89
N LEU A 228 -6.17 0.89 -7.89
CA LEU A 228 -6.94 -0.35 -7.81
C LEU A 228 -6.01 -1.55 -7.72
N GLU A 229 -4.95 -1.60 -8.56
CA GLU A 229 -3.95 -2.68 -8.56
C GLU A 229 -3.30 -2.84 -7.19
N PHE A 230 -2.79 -1.71 -6.62
CA PHE A 230 -2.12 -1.67 -5.33
C PHE A 230 -3.02 -1.96 -4.14
N HIS A 231 -4.32 -1.72 -4.30
CA HIS A 231 -5.32 -2.01 -3.28
C HIS A 231 -5.68 -3.49 -3.30
N LEU A 232 -5.80 -4.09 -4.52
CA LEU A 232 -6.14 -5.50 -4.72
C LEU A 232 -5.04 -6.45 -4.24
N GLN A 233 -3.81 -5.96 -4.02
CA GLN A 233 -2.75 -6.81 -3.47
C GLN A 233 -2.72 -6.74 -1.95
N ALA A 234 -3.04 -5.55 -1.40
CA ALA A 234 -3.09 -5.25 0.03
C ALA A 234 -4.28 -5.89 0.73
N ASN A 235 -5.45 -5.87 0.05
CA ASN A 235 -6.74 -6.38 0.55
C ASN A 235 -6.99 -7.86 0.19
N HIS A 236 -6.55 -8.31 -1.01
CA HIS A 236 -6.73 -9.68 -1.52
C HIS A 236 -5.33 -10.25 -1.90
N PRO A 237 -4.51 -10.67 -0.92
CA PRO A 237 -3.15 -11.15 -1.26
C PRO A 237 -3.08 -12.53 -1.91
N ASP A 238 -4.03 -13.41 -1.56
CA ASP A 238 -4.13 -14.79 -2.08
C ASP A 238 -4.93 -14.86 -3.40
N ALA A 239 -5.35 -13.69 -3.95
CA ALA A 239 -6.14 -13.55 -5.17
C ALA A 239 -5.41 -13.90 -6.45
N GLN A 240 -5.95 -14.91 -7.16
CA GLN A 240 -5.46 -15.41 -8.43
C GLN A 240 -5.94 -14.48 -9.54
N TYR A 241 -5.01 -13.67 -10.11
CA TYR A 241 -5.21 -12.75 -11.22
C TYR A 241 -6.42 -11.78 -11.04
N LEU A 242 -6.58 -11.12 -9.87
CA LEU A 242 -7.74 -10.22 -9.65
C LEU A 242 -7.80 -8.92 -10.47
N PHE A 243 -6.65 -8.28 -10.74
CA PHE A 243 -6.61 -7.05 -11.53
C PHE A 243 -6.97 -7.27 -13.01
N PRO A 244 -6.40 -8.28 -13.74
CA PRO A 244 -6.83 -8.48 -15.14
C PRO A 244 -8.27 -9.01 -15.29
N LYS A 245 -8.77 -9.72 -14.25
CA LYS A 245 -10.13 -10.28 -14.24
C LYS A 245 -11.19 -9.17 -14.17
N LEU A 246 -10.90 -8.13 -13.38
CA LEU A 246 -11.74 -6.96 -13.23
C LEU A 246 -11.69 -6.05 -14.46
N LEU A 247 -10.61 -6.13 -15.27
CA LEU A 247 -10.46 -5.35 -16.50
C LEU A 247 -11.30 -6.01 -17.58
N GLN A 248 -11.41 -7.36 -17.53
CA GLN A 248 -12.27 -8.12 -18.44
C GLN A 248 -13.75 -7.91 -18.03
N LYS A 249 -14.02 -7.82 -16.71
CA LYS A 249 -15.37 -7.58 -16.19
C LYS A 249 -15.91 -6.21 -16.65
N MET A 250 -15.00 -5.21 -16.84
CA MET A 250 -15.32 -3.87 -17.33
C MET A 250 -15.74 -3.95 -18.80
N ALA A 251 -15.04 -4.80 -19.58
CA ALA A 251 -15.33 -5.04 -20.98
C ALA A 251 -16.71 -5.73 -21.12
N ASP A 252 -16.97 -6.79 -20.30
CA ASP A 252 -18.24 -7.52 -20.28
C ASP A 252 -19.40 -6.60 -19.98
N LEU A 253 -19.19 -5.65 -19.03
CA LEU A 253 -20.17 -4.65 -18.62
C LEU A 253 -20.60 -3.75 -19.76
N ARG A 254 -19.67 -3.41 -20.69
CA ARG A 254 -19.98 -2.57 -21.85
C ARG A 254 -20.90 -3.31 -22.81
N GLN A 255 -20.69 -4.64 -22.94
CA GLN A 255 -21.53 -5.51 -23.78
C GLN A 255 -22.95 -5.63 -23.23
N LEU A 256 -23.06 -5.69 -21.89
CA LEU A 256 -24.34 -5.79 -21.16
C LEU A 256 -25.19 -4.51 -21.32
N VAL A 257 -24.52 -3.35 -21.37
CA VAL A 257 -25.17 -2.03 -21.53
C VAL A 257 -25.73 -1.87 -22.96
N THR A 258 -24.96 -2.34 -23.96
CA THR A 258 -25.35 -2.33 -25.38
C THR A 258 -26.66 -3.09 -25.54
N GLU A 259 -26.71 -4.34 -25.02
CA GLU A 259 -27.90 -5.19 -25.05
C GLU A 259 -29.07 -4.49 -24.35
N HIS A 260 -28.80 -3.84 -23.18
CA HIS A 260 -29.80 -3.12 -22.39
C HIS A 260 -30.45 -1.97 -23.16
N ALA A 261 -29.64 -1.10 -23.80
CA ALA A 261 -30.11 0.02 -24.63
C ALA A 261 -30.96 -0.51 -25.77
N GLN A 262 -30.51 -1.61 -26.43
CA GLN A 262 -31.24 -2.29 -27.52
C GLN A 262 -32.63 -2.70 -27.05
N MET A 263 -32.71 -3.37 -25.87
CA MET A 263 -33.98 -3.79 -25.26
C MET A 263 -34.83 -2.57 -25.00
N MET A 264 -34.21 -1.51 -24.45
CA MET A 264 -34.90 -0.26 -24.12
C MET A 264 -35.45 0.50 -25.31
N GLN A 265 -34.73 0.42 -26.44
CA GLN A 265 -35.16 1.03 -27.69
C GLN A 265 -36.37 0.26 -28.25
N ARG A 266 -36.38 -1.08 -28.09
CA ARG A 266 -37.47 -1.96 -28.50
C ARG A 266 -38.74 -1.68 -27.67
N ILE A 267 -38.57 -1.41 -26.34
CA ILE A 267 -39.69 -1.06 -25.43
C ILE A 267 -40.39 0.19 -25.98
N LYS A 268 -39.59 1.23 -26.37
CA LYS A 268 -40.09 2.51 -26.94
C LYS A 268 -40.91 2.32 -28.25
N LYS A 269 -40.56 1.32 -29.08
CA LYS A 269 -41.24 1.04 -30.34
C LYS A 269 -42.50 0.15 -30.16
N THR A 270 -42.37 -0.96 -29.42
CA THR A 270 -43.42 -1.94 -29.15
C THR A 270 -44.47 -1.47 -28.12
N GLU A 271 -44.00 -0.95 -26.99
CA GLU A 271 -44.84 -0.56 -25.88
C GLU A 271 -45.10 0.96 -25.84
N THR A 272 -45.76 1.48 -26.91
CA THR A 272 -46.11 2.89 -27.10
C THR A 272 -47.28 3.34 -26.21
N GLU A 273 -47.06 3.31 -24.89
CA GLU A 273 -48.00 3.67 -23.80
C GLU A 273 -47.27 3.68 -22.45
N THR A 274 -46.08 3.02 -22.40
CA THR A 274 -45.22 2.99 -21.22
C THR A 274 -44.20 4.11 -21.40
N SER A 275 -44.14 5.00 -20.41
CA SER A 275 -43.26 6.17 -20.38
C SER A 275 -41.83 5.83 -20.03
N LEU A 276 -40.89 6.40 -20.78
CA LEU A 276 -39.47 6.23 -20.51
C LEU A 276 -38.95 7.58 -20.02
N HIS A 277 -38.32 7.58 -18.83
CA HIS A 277 -37.77 8.77 -18.19
C HIS A 277 -36.84 9.51 -19.17
N PRO A 278 -37.11 10.82 -19.38
CA PRO A 278 -36.30 11.60 -20.34
C PRO A 278 -34.78 11.49 -20.19
N LEU A 279 -34.29 11.36 -18.93
CA LEU A 279 -32.86 11.21 -18.67
C LEU A 279 -32.34 9.91 -19.24
N LEU A 280 -33.11 8.79 -19.09
CA LEU A 280 -32.74 7.47 -19.62
C LEU A 280 -32.85 7.41 -21.14
N GLN A 281 -33.91 8.04 -21.70
CA GLN A 281 -34.14 8.20 -23.14
C GLN A 281 -32.91 8.85 -23.80
N GLU A 282 -32.28 9.82 -23.11
CA GLU A 282 -31.07 10.50 -23.60
C GLU A 282 -29.83 9.58 -23.53
N ILE A 283 -29.64 8.84 -22.41
CA ILE A 283 -28.54 7.88 -22.23
C ILE A 283 -28.58 6.82 -23.37
N TYR A 284 -29.77 6.26 -23.67
CA TYR A 284 -29.98 5.24 -24.73
C TYR A 284 -29.99 5.73 -26.17
N LYS A 285 -30.27 7.05 -26.41
CA LYS A 285 -30.35 7.70 -27.74
C LYS A 285 -29.38 7.13 -28.80
N ASP A 286 -28.06 7.17 -28.51
CA ASP A 286 -27.04 6.61 -29.41
C ASP A 286 -26.90 5.12 -29.07
N MET A 287 -26.43 4.82 -27.84
CA MET A 287 -26.27 3.49 -27.23
C MET A 287 -26.01 3.63 -25.70
N ASP B 21 43.03 -5.33 -11.61
CA ASP B 21 43.94 -5.36 -10.47
C ASP B 21 43.17 -5.04 -9.17
N LEU B 22 43.49 -3.92 -8.48
CA LEU B 22 42.77 -3.48 -7.29
C LEU B 22 41.36 -2.95 -7.63
N LYS B 23 41.08 -2.60 -8.91
CA LYS B 23 39.74 -2.16 -9.31
C LYS B 23 38.77 -3.33 -9.55
N ALA B 24 39.33 -4.55 -9.71
CA ALA B 24 38.60 -5.81 -9.86
C ALA B 24 38.22 -6.31 -8.47
N PHE B 25 39.09 -6.04 -7.49
CA PHE B 25 38.90 -6.37 -6.07
C PHE B 25 37.78 -5.47 -5.53
N SER B 26 37.84 -4.15 -5.85
CA SER B 26 36.83 -3.14 -5.49
C SER B 26 35.46 -3.57 -5.98
N LYS B 27 35.38 -4.02 -7.26
CA LYS B 27 34.18 -4.51 -7.94
C LYS B 27 33.62 -5.75 -7.24
N HIS B 28 34.51 -6.69 -6.78
CA HIS B 28 34.14 -7.89 -6.03
C HIS B 28 33.51 -7.52 -4.68
N ILE B 29 34.13 -6.56 -3.96
CA ILE B 29 33.65 -6.04 -2.68
C ILE B 29 32.29 -5.36 -2.86
N TYR B 30 32.15 -4.51 -3.91
CA TYR B 30 30.90 -3.82 -4.24
C TYR B 30 29.76 -4.79 -4.57
N ASN B 31 30.04 -5.88 -5.34
CA ASN B 31 29.02 -6.89 -5.67
C ASN B 31 28.50 -7.70 -4.46
N ALA B 32 29.36 -7.88 -3.45
CA ALA B 32 29.08 -8.54 -2.17
C ALA B 32 28.19 -7.63 -1.29
N TYR B 33 28.43 -6.31 -1.35
CA TYR B 33 27.69 -5.28 -0.64
C TYR B 33 26.26 -5.24 -1.20
N LEU B 34 26.12 -5.06 -2.54
CA LEU B 34 24.85 -5.04 -3.26
C LEU B 34 24.04 -6.32 -3.04
N LYS B 35 24.72 -7.46 -2.98
CA LYS B 35 24.13 -8.78 -2.80
C LYS B 35 23.60 -8.99 -1.36
N ASN B 36 24.23 -8.37 -0.36
CA ASN B 36 23.85 -8.61 1.04
C ASN B 36 23.06 -7.55 1.77
N PHE B 37 23.24 -6.27 1.45
CA PHE B 37 22.50 -5.23 2.17
C PHE B 37 21.11 -4.97 1.63
N ASN B 38 20.12 -4.91 2.54
CA ASN B 38 18.71 -4.74 2.20
C ASN B 38 18.42 -3.38 1.59
N MET B 39 19.23 -2.38 1.92
CA MET B 39 19.05 -1.03 1.39
C MET B 39 20.38 -0.33 1.15
N THR B 40 20.50 0.26 -0.05
CA THR B 40 21.64 1.04 -0.52
C THR B 40 21.47 2.51 -0.06
N LYS B 41 22.54 3.30 -0.19
CA LYS B 41 22.49 4.72 0.13
C LYS B 41 21.70 5.38 -1.02
N LYS B 42 21.78 4.79 -2.23
CA LYS B 42 21.05 5.21 -3.44
C LYS B 42 19.53 5.15 -3.19
N LYS B 43 19.05 4.00 -2.69
CA LYS B 43 17.64 3.81 -2.37
C LYS B 43 17.21 4.74 -1.22
N ALA B 44 18.02 4.79 -0.13
CA ALA B 44 17.73 5.63 1.02
C ALA B 44 17.66 7.13 0.72
N ARG B 45 18.69 7.68 -0.01
CA ARG B 45 18.77 9.11 -0.36
C ARG B 45 17.60 9.55 -1.24
N SER B 46 17.17 8.68 -2.19
CA SER B 46 16.05 8.88 -3.13
C SER B 46 14.71 9.07 -2.38
N ILE B 47 14.43 8.22 -1.36
CA ILE B 47 13.23 8.27 -0.53
C ILE B 47 13.23 9.58 0.30
N LEU B 48 14.37 9.85 0.96
CA LEU B 48 14.59 11.03 1.80
C LEU B 48 14.42 12.34 1.04
N THR B 49 14.87 12.39 -0.22
CA THR B 49 14.75 13.57 -1.08
C THR B 49 13.30 13.66 -1.66
N GLY B 50 12.76 12.52 -2.05
CA GLY B 50 11.42 12.42 -2.59
C GLY B 50 11.43 12.17 -4.08
N LYS B 51 11.62 10.89 -4.47
CA LYS B 51 11.70 10.33 -5.84
C LYS B 51 13.03 10.66 -6.54
N ALA B 56 6.35 8.49 -0.42
CA ALA B 56 6.43 9.38 0.75
C ALA B 56 6.30 8.57 2.06
N PRO B 57 7.41 8.43 2.86
CA PRO B 57 7.34 7.66 4.10
C PRO B 57 6.44 8.23 5.20
N PHE B 58 5.79 7.32 5.95
CA PHE B 58 4.90 7.63 7.07
C PHE B 58 5.71 8.15 8.25
N VAL B 59 5.50 9.40 8.60
CA VAL B 59 6.20 10.08 9.70
C VAL B 59 5.73 9.60 11.08
N ILE B 60 6.69 9.09 11.90
CA ILE B 60 6.48 8.66 13.30
C ILE B 60 7.04 9.81 14.18
N HIS B 61 6.18 10.40 15.03
CA HIS B 61 6.58 11.55 15.86
C HIS B 61 6.00 11.54 17.28
N ASP B 62 5.09 10.57 17.56
CA ASP B 62 4.41 10.38 18.85
C ASP B 62 3.86 8.96 18.96
N ILE B 63 3.20 8.60 20.09
CA ILE B 63 2.61 7.27 20.34
C ILE B 63 1.55 6.89 19.31
N GLU B 64 0.67 7.85 18.94
CA GLU B 64 -0.41 7.60 17.98
C GLU B 64 0.13 7.16 16.62
N THR B 65 1.16 7.87 16.11
CA THR B 65 1.81 7.56 14.83
C THR B 65 2.65 6.28 14.92
N LEU B 66 3.26 6.01 16.09
CA LEU B 66 4.05 4.80 16.35
C LEU B 66 3.13 3.58 16.35
N TRP B 67 1.92 3.73 16.93
CA TRP B 67 0.90 2.69 16.98
C TRP B 67 0.33 2.44 15.57
N GLN B 68 0.16 3.53 14.79
CA GLN B 68 -0.35 3.50 13.42
C GLN B 68 0.61 2.74 12.51
N ALA B 69 1.93 3.00 12.68
CA ALA B 69 3.04 2.36 11.96
C ALA B 69 3.04 0.87 12.21
N GLU B 70 2.80 0.47 13.46
CA GLU B 70 2.72 -0.94 13.88
C GLU B 70 1.57 -1.65 13.15
N LYS B 71 0.43 -0.95 12.97
CA LYS B 71 -0.75 -1.47 12.28
C LYS B 71 -0.55 -1.43 10.75
N GLY B 72 -0.27 -0.26 10.20
CA GLY B 72 -0.09 0.00 8.78
C GLY B 72 1.14 -0.57 8.10
N LEU B 73 2.34 -0.05 8.46
CA LEU B 73 3.66 -0.39 7.89
C LEU B 73 4.05 -1.87 7.92
N VAL B 74 4.84 -2.31 6.92
CA VAL B 74 5.37 -3.68 6.84
C VAL B 74 6.77 -3.69 7.48
N TRP B 75 6.92 -4.50 8.57
CA TRP B 75 8.13 -4.68 9.40
C TRP B 75 8.71 -6.11 9.30
N LYS B 76 10.06 -6.23 9.13
CA LYS B 76 10.77 -7.52 9.02
C LYS B 76 10.45 -8.39 10.24
N GLN B 77 10.68 -7.87 11.46
CA GLN B 77 10.34 -8.58 12.67
C GLN B 77 8.96 -8.13 13.08
N LEU B 78 7.99 -9.05 12.99
CA LEU B 78 6.61 -8.80 13.37
C LEU B 78 6.53 -8.61 14.88
N VAL B 79 5.62 -7.73 15.33
CA VAL B 79 5.41 -7.35 16.73
C VAL B 79 5.35 -8.52 17.73
N ASN B 80 4.75 -9.64 17.30
CA ASN B 80 4.59 -10.86 18.10
C ASN B 80 5.93 -11.55 18.45
N GLY B 81 6.96 -11.29 17.64
CA GLY B 81 8.31 -11.85 17.81
C GLY B 81 9.19 -11.08 18.78
N LEU B 82 8.84 -9.81 19.06
CA LEU B 82 9.56 -8.92 19.98
C LEU B 82 9.39 -9.37 21.45
N PRO B 83 10.30 -8.99 22.40
CA PRO B 83 10.08 -9.38 23.81
C PRO B 83 8.78 -8.79 24.36
N PRO B 84 8.17 -9.36 25.44
CA PRO B 84 6.88 -8.83 25.94
C PRO B 84 6.84 -7.32 26.13
N TYR B 85 5.70 -6.70 25.74
CA TYR B 85 5.49 -5.25 25.85
C TYR B 85 5.68 -4.73 27.28
N LYS B 86 6.38 -3.59 27.41
CA LYS B 86 6.67 -2.95 28.68
C LYS B 86 6.12 -1.52 28.61
N GLU B 87 6.71 -0.68 27.73
CA GLU B 87 6.37 0.72 27.53
C GLU B 87 6.94 1.23 26.20
N ILE B 88 6.47 2.43 25.78
CA ILE B 88 6.89 3.12 24.55
C ILE B 88 8.41 3.14 24.31
N SER B 89 9.20 3.69 25.24
CA SER B 89 10.67 3.82 25.15
C SER B 89 11.40 2.47 24.99
N VAL B 90 10.91 1.44 25.70
CA VAL B 90 11.45 0.08 25.68
C VAL B 90 11.04 -0.65 24.38
N HIS B 91 9.85 -0.32 23.82
CA HIS B 91 9.39 -0.85 22.53
C HIS B 91 10.29 -0.37 21.39
N VAL B 92 10.69 0.91 21.37
CA VAL B 92 11.59 1.53 20.38
C VAL B 92 12.98 0.87 20.51
N PHE B 93 13.44 0.68 21.76
CA PHE B 93 14.73 0.05 22.09
C PHE B 93 14.75 -1.36 21.53
N TYR B 94 13.64 -2.12 21.68
CA TYR B 94 13.50 -3.47 21.16
C TYR B 94 13.51 -3.48 19.62
N ARG B 95 12.80 -2.52 18.99
CA ARG B 95 12.76 -2.39 17.52
C ARG B 95 14.16 -2.10 16.96
N CYS B 96 14.97 -1.32 17.71
CA CYS B 96 16.36 -0.99 17.37
C CYS B 96 17.23 -2.22 17.49
N GLN B 97 17.00 -3.03 18.55
CA GLN B 97 17.70 -4.26 18.90
C GLN B 97 17.57 -5.32 17.80
N CYS B 98 16.37 -5.45 17.20
CA CYS B 98 16.16 -6.37 16.10
C CYS B 98 16.88 -5.94 14.85
N THR B 99 16.75 -4.65 14.49
CA THR B 99 17.42 -4.05 13.33
C THR B 99 18.95 -4.21 13.43
N THR B 100 19.52 -4.03 14.63
CA THR B 100 20.95 -4.20 14.92
C THR B 100 21.36 -5.64 14.62
N VAL B 101 20.66 -6.62 15.21
CA VAL B 101 20.92 -8.06 15.02
C VAL B 101 20.80 -8.50 13.55
N GLU B 102 19.81 -7.97 12.83
CA GLU B 102 19.62 -8.29 11.41
C GLU B 102 20.78 -7.73 10.57
N THR B 103 21.28 -6.52 10.91
CA THR B 103 22.41 -5.91 10.21
C THR B 103 23.67 -6.73 10.48
N VAL B 104 23.80 -7.28 11.71
CA VAL B 104 24.90 -8.15 12.13
C VAL B 104 24.92 -9.42 11.21
N ARG B 105 23.72 -9.99 10.92
CA ARG B 105 23.56 -11.15 10.04
C ARG B 105 23.97 -10.82 8.61
N GLU B 106 23.52 -9.66 8.08
CA GLU B 106 23.89 -9.15 6.73
C GLU B 106 25.40 -8.90 6.63
N LEU B 107 26.02 -8.33 7.69
CA LEU B 107 27.47 -8.03 7.78
C LEU B 107 28.32 -9.29 7.84
N THR B 108 27.79 -10.39 8.44
CA THR B 108 28.47 -11.69 8.52
C THR B 108 28.52 -12.29 7.09
N GLU B 109 27.43 -12.16 6.32
CA GLU B 109 27.36 -12.66 4.93
C GLU B 109 28.22 -11.84 4.01
N PHE B 110 28.28 -10.53 4.24
CA PHE B 110 29.13 -9.62 3.45
C PHE B 110 30.61 -9.96 3.64
N ALA B 111 31.01 -10.18 4.90
CA ALA B 111 32.38 -10.53 5.33
C ALA B 111 32.79 -11.86 4.72
N LYS B 112 31.91 -12.87 4.73
CA LYS B 112 32.16 -14.19 4.12
C LYS B 112 32.42 -14.05 2.61
N SER B 113 31.67 -13.14 1.94
CA SER B 113 31.78 -12.83 0.52
C SER B 113 33.12 -12.21 0.11
N ILE B 114 33.98 -11.81 1.08
CA ILE B 114 35.35 -11.37 0.83
C ILE B 114 36.16 -12.71 0.85
N PRO B 115 36.70 -13.20 -0.29
CA PRO B 115 37.36 -14.54 -0.29
C PRO B 115 38.53 -14.73 0.70
N SER B 116 39.30 -13.65 0.97
CA SER B 116 40.41 -13.66 1.93
C SER B 116 39.94 -13.86 3.39
N PHE B 117 38.80 -13.24 3.75
CA PHE B 117 38.17 -13.31 5.08
C PHE B 117 37.76 -14.74 5.46
N SER B 118 37.18 -15.50 4.52
CA SER B 118 36.73 -16.88 4.74
C SER B 118 37.87 -17.89 4.92
N SER B 119 39.09 -17.53 4.48
CA SER B 119 40.31 -18.33 4.63
C SER B 119 40.84 -18.27 6.07
N LEU B 120 40.38 -17.26 6.86
CA LEU B 120 40.80 -17.11 8.26
C LEU B 120 40.05 -18.13 9.11
N PHE B 121 40.68 -18.61 10.21
CA PHE B 121 40.02 -19.56 11.10
C PHE B 121 38.79 -18.90 11.69
N LEU B 122 37.68 -19.63 11.73
CA LEU B 122 36.36 -19.18 12.18
C LEU B 122 36.33 -18.34 13.46
N ASN B 123 37.22 -18.62 14.42
CA ASN B 123 37.35 -17.89 15.68
C ASN B 123 37.89 -16.47 15.43
N ASP B 124 38.79 -16.32 14.44
CA ASP B 124 39.32 -15.01 14.05
C ASP B 124 38.26 -14.23 13.29
N GLN B 125 37.39 -14.94 12.55
CA GLN B 125 36.27 -14.35 11.80
C GLN B 125 35.30 -13.71 12.80
N VAL B 126 35.01 -14.44 13.89
CA VAL B 126 34.17 -14.03 15.01
C VAL B 126 34.79 -12.81 15.73
N THR B 127 36.10 -12.85 16.01
CA THR B 127 36.81 -11.76 16.69
C THR B 127 36.66 -10.43 15.91
N LEU B 128 36.84 -10.47 14.59
CA LEU B 128 36.73 -9.32 13.72
C LEU B 128 35.30 -8.76 13.73
N LEU B 129 34.31 -9.66 13.64
CA LEU B 129 32.91 -9.30 13.68
C LEU B 129 32.46 -8.81 15.04
N LYS B 130 32.95 -9.44 16.15
CA LYS B 130 32.62 -9.00 17.51
C LYS B 130 33.06 -7.54 17.77
N TYR B 131 34.24 -7.14 17.29
CA TYR B 131 34.74 -5.78 17.52
C TYR B 131 34.47 -4.74 16.43
N GLY B 132 34.28 -5.18 15.18
CA GLY B 132 34.04 -4.31 14.01
C GLY B 132 32.60 -4.11 13.53
N VAL B 133 31.64 -4.93 14.03
CA VAL B 133 30.24 -4.87 13.64
C VAL B 133 29.51 -3.55 13.96
N HIS B 134 29.60 -3.03 15.20
CA HIS B 134 28.95 -1.76 15.58
C HIS B 134 29.56 -0.58 14.86
N GLU B 135 30.87 -0.64 14.57
CA GLU B 135 31.58 0.41 13.82
C GLU B 135 30.99 0.49 12.41
N ALA B 136 30.82 -0.69 11.74
CA ALA B 136 30.22 -0.80 10.41
C ALA B 136 28.76 -0.32 10.44
N ILE B 137 27.96 -0.82 11.42
CA ILE B 137 26.56 -0.44 11.60
C ILE B 137 26.41 1.08 11.60
N PHE B 138 27.20 1.80 12.44
CA PHE B 138 27.10 3.26 12.54
C PHE B 138 27.48 4.02 11.27
N ALA B 139 28.43 3.49 10.51
CA ALA B 139 28.82 4.04 9.22
C ALA B 139 27.64 3.93 8.23
N MET B 140 26.93 2.78 8.21
CA MET B 140 25.77 2.47 7.33
C MET B 140 24.52 3.20 7.78
N LEU B 141 24.42 3.49 9.08
CA LEU B 141 23.30 4.21 9.67
C LEU B 141 23.20 5.60 9.05
N ALA B 142 24.35 6.24 8.74
CA ALA B 142 24.43 7.55 8.11
C ALA B 142 23.63 7.62 6.78
N SER B 143 23.58 6.50 6.01
CA SER B 143 22.85 6.38 4.73
C SER B 143 21.32 6.58 4.89
N ILE B 144 20.72 6.07 5.99
CA ILE B 144 19.27 6.19 6.26
C ILE B 144 18.90 7.41 7.17
N VAL B 145 19.92 8.21 7.56
CA VAL B 145 19.80 9.33 8.50
C VAL B 145 20.04 10.70 7.86
N ASN B 146 19.13 11.66 8.15
CA ASN B 146 19.31 13.10 7.87
C ASN B 146 19.24 13.82 9.24
N LYS B 147 19.42 15.14 9.28
CA LYS B 147 19.37 15.87 10.56
C LYS B 147 18.01 15.87 11.34
N ASP B 148 16.87 15.60 10.66
CA ASP B 148 15.54 15.60 11.29
C ASP B 148 15.01 14.23 11.72
N GLY B 149 15.71 13.18 11.30
CA GLY B 149 15.34 11.82 11.67
C GLY B 149 15.92 10.77 10.74
N LEU B 150 15.33 9.57 10.77
CA LEU B 150 15.79 8.43 9.97
C LEU B 150 14.66 7.55 9.41
N LEU B 151 15.00 6.80 8.34
CA LEU B 151 14.10 5.87 7.67
C LEU B 151 13.95 4.58 8.49
N VAL B 152 12.72 4.04 8.54
CA VAL B 152 12.39 2.77 9.19
C VAL B 152 11.55 1.90 8.24
N ALA B 153 11.17 0.67 8.66
CA ALA B 153 10.35 -0.32 7.94
C ALA B 153 10.62 -0.32 6.42
N ASN B 154 11.86 -0.65 6.02
CA ASN B 154 12.33 -0.72 4.63
C ASN B 154 12.04 0.55 3.81
N GLY B 155 12.16 1.71 4.44
CA GLY B 155 11.92 2.99 3.80
C GLY B 155 10.48 3.48 3.83
N SER B 156 9.52 2.62 4.29
CA SER B 156 8.10 2.97 4.35
C SER B 156 7.67 3.95 5.47
N GLY B 157 8.54 4.13 6.46
CA GLY B 157 8.36 5.06 7.56
C GLY B 157 9.56 5.93 7.83
N PHE B 158 9.33 7.04 8.56
CA PHE B 158 10.36 8.00 8.93
C PHE B 158 10.17 8.46 10.39
N VAL B 159 11.06 8.02 11.30
CA VAL B 159 11.00 8.38 12.73
C VAL B 159 11.72 9.72 12.94
N THR B 160 11.07 10.68 13.59
CA THR B 160 11.71 11.97 13.85
C THR B 160 12.68 11.89 15.01
N ARG B 161 13.70 12.73 14.93
CA ARG B 161 14.76 12.87 15.91
C ARG B 161 14.21 13.42 17.23
N GLU B 162 13.25 14.40 17.15
CA GLU B 162 12.60 15.03 18.28
C GLU B 162 11.81 14.02 19.07
N PHE B 163 11.14 13.05 18.41
CA PHE B 163 10.39 11.97 19.06
C PHE B 163 11.33 11.08 19.86
N LEU B 164 12.53 10.79 19.32
CA LEU B 164 13.49 9.94 20.03
C LEU B 164 14.02 10.65 21.25
N ARG B 165 14.14 12.01 21.18
CA ARG B 165 14.56 12.88 22.28
C ARG B 165 13.49 12.92 23.36
N SER B 166 12.21 12.68 22.99
CA SER B 166 11.06 12.70 23.91
C SER B 166 10.87 11.41 24.74
N LEU B 167 11.69 10.39 24.48
CA LEU B 167 11.60 9.13 25.23
C LEU B 167 12.24 9.31 26.61
N ARG B 168 11.96 8.39 27.56
CA ARG B 168 12.54 8.51 28.90
C ARG B 168 14.00 8.13 28.96
N LYS B 169 14.76 8.80 29.85
CA LYS B 169 16.18 8.54 30.04
C LYS B 169 16.35 7.14 30.65
N PRO B 170 17.35 6.35 30.21
CA PRO B 170 18.45 6.67 29.29
C PRO B 170 18.18 6.45 27.80
N PHE B 171 16.97 5.97 27.43
CA PHE B 171 16.61 5.71 26.01
C PHE B 171 16.68 6.91 25.08
N SER B 172 16.40 8.12 25.60
CA SER B 172 16.48 9.35 24.82
C SER B 172 17.91 9.79 24.54
N ASP B 173 18.91 9.18 25.25
CA ASP B 173 20.33 9.52 25.16
C ASP B 173 21.18 8.59 24.30
N ILE B 174 20.59 7.53 23.73
CA ILE B 174 21.37 6.57 22.95
C ILE B 174 21.72 7.06 21.56
N ILE B 175 20.70 7.44 20.78
CA ILE B 175 20.83 7.81 19.37
C ILE B 175 21.45 9.17 19.06
N GLU B 176 21.50 10.11 20.03
CA GLU B 176 22.08 11.44 19.78
C GLU B 176 23.53 11.48 19.22
N PRO B 177 24.55 10.73 19.76
CA PRO B 177 25.89 10.80 19.13
C PRO B 177 26.00 10.14 17.76
N LYS B 178 25.00 9.32 17.37
CA LYS B 178 24.95 8.66 16.06
C LYS B 178 24.55 9.68 15.01
N PHE B 179 23.62 10.61 15.38
CA PHE B 179 23.19 11.71 14.53
C PHE B 179 24.34 12.72 14.28
N GLU B 180 25.09 13.08 15.33
CA GLU B 180 26.24 13.98 15.23
C GLU B 180 27.29 13.43 14.27
N PHE B 181 27.49 12.10 14.31
CA PHE B 181 28.41 11.41 13.41
C PHE B 181 27.85 11.42 11.99
N ALA B 182 26.59 10.95 11.82
CA ALA B 182 25.89 10.81 10.54
C ALA B 182 25.83 12.08 9.67
N VAL B 183 25.58 13.25 10.29
CA VAL B 183 25.51 14.52 9.55
C VAL B 183 26.91 14.91 9.05
N LYS B 184 27.94 14.78 9.90
CA LYS B 184 29.35 15.04 9.53
C LYS B 184 29.85 14.04 8.47
N PHE B 185 29.45 12.76 8.60
CA PHE B 185 29.84 11.69 7.65
C PHE B 185 29.17 11.85 6.28
N ASN B 186 27.89 12.29 6.25
CA ASN B 186 27.15 12.51 5.00
C ASN B 186 27.67 13.75 4.24
N ALA B 187 28.45 14.61 4.92
CA ALA B 187 29.07 15.80 4.32
C ALA B 187 30.13 15.40 3.30
N LEU B 188 30.69 14.17 3.45
CA LEU B 188 31.71 13.61 2.54
C LEU B 188 31.12 13.16 1.19
N GLU B 189 29.78 12.94 1.14
CA GLU B 189 29.02 12.53 -0.04
C GLU B 189 29.56 11.25 -0.68
N LEU B 190 29.75 10.20 0.13
CA LEU B 190 30.25 8.93 -0.38
C LEU B 190 29.07 8.14 -0.98
N ASP B 191 29.36 7.27 -1.98
CA ASP B 191 28.35 6.40 -2.59
C ASP B 191 28.60 4.93 -2.20
N ASP B 192 27.64 4.04 -2.51
CA ASP B 192 27.65 2.61 -2.22
C ASP B 192 28.93 1.84 -2.56
N SER B 193 29.66 2.27 -3.61
CA SER B 193 30.92 1.65 -4.04
C SER B 193 32.09 2.07 -3.14
N ASP B 194 31.98 3.24 -2.47
CA ASP B 194 32.98 3.73 -1.53
C ASP B 194 32.75 3.00 -0.20
N LEU B 195 31.47 2.94 0.22
CA LEU B 195 31.02 2.32 1.46
C LEU B 195 31.37 0.83 1.53
N ALA B 196 31.24 0.09 0.40
CA ALA B 196 31.60 -1.33 0.32
C ALA B 196 33.03 -1.56 0.81
N LEU B 197 33.99 -0.71 0.36
CA LEU B 197 35.40 -0.76 0.76
C LEU B 197 35.63 -0.23 2.17
N PHE B 198 34.91 0.84 2.57
CA PHE B 198 35.02 1.42 3.91
C PHE B 198 34.63 0.39 4.98
N ILE B 199 33.46 -0.28 4.80
CA ILE B 199 32.92 -1.30 5.70
C ILE B 199 33.85 -2.50 5.75
N ALA B 200 34.43 -2.87 4.61
CA ALA B 200 35.36 -3.99 4.49
C ALA B 200 36.62 -3.72 5.32
N ALA B 201 37.14 -2.46 5.27
CA ALA B 201 38.33 -2.02 6.00
C ALA B 201 38.13 -2.01 7.52
N ILE B 202 36.90 -1.66 7.97
CA ILE B 202 36.48 -1.63 9.37
C ILE B 202 36.54 -3.08 9.94
N ILE B 203 35.86 -4.05 9.28
CA ILE B 203 35.79 -5.47 9.69
C ILE B 203 37.18 -6.10 9.75
N LEU B 204 37.98 -5.90 8.70
CA LEU B 204 39.34 -6.44 8.62
C LEU B 204 40.36 -5.50 9.21
N CYS B 205 40.43 -5.52 10.55
CA CYS B 205 41.27 -4.68 11.40
C CYS B 205 42.15 -5.59 12.28
N GLY B 206 43.47 -5.39 12.20
CA GLY B 206 44.48 -6.14 12.94
C GLY B 206 44.70 -5.75 14.40
N ASP B 207 44.04 -4.66 14.87
CA ASP B 207 44.13 -4.12 16.24
C ASP B 207 43.15 -4.78 17.21
N ARG B 208 42.34 -5.75 16.73
CA ARG B 208 41.34 -6.41 17.58
C ARG B 208 41.91 -7.34 18.65
N PRO B 209 41.40 -7.22 19.90
CA PRO B 209 41.91 -8.08 20.99
C PRO B 209 41.57 -9.55 20.84
N GLY B 210 42.58 -10.38 21.10
CA GLY B 210 42.52 -11.83 21.06
C GLY B 210 42.67 -12.42 19.67
N LEU B 211 43.20 -11.62 18.71
CA LEU B 211 43.40 -12.08 17.34
C LEU B 211 44.55 -13.07 17.28
N MET B 212 44.30 -14.20 16.61
CA MET B 212 45.24 -15.29 16.46
C MET B 212 46.31 -14.96 15.41
N ASN B 213 45.89 -14.83 14.14
CA ASN B 213 46.78 -14.54 13.01
C ASN B 213 46.67 -13.06 12.61
N VAL B 214 47.27 -12.19 13.43
CA VAL B 214 47.25 -10.75 13.19
C VAL B 214 47.98 -10.33 11.91
N PRO B 215 49.18 -10.89 11.54
CA PRO B 215 49.81 -10.51 10.26
C PRO B 215 48.95 -10.74 9.01
N ARG B 216 48.18 -11.86 8.95
CA ARG B 216 47.28 -12.17 7.81
C ARG B 216 46.11 -11.18 7.69
N VAL B 217 45.50 -10.77 8.83
CA VAL B 217 44.40 -9.80 8.84
C VAL B 217 44.95 -8.43 8.39
N GLU B 218 46.20 -8.08 8.82
CA GLU B 218 46.86 -6.84 8.43
C GLU B 218 47.09 -6.78 6.93
N ALA B 219 47.53 -7.93 6.33
CA ALA B 219 47.77 -8.07 4.90
C ALA B 219 46.54 -7.70 4.09
N ILE B 220 45.38 -8.33 4.43
CA ILE B 220 44.09 -8.08 3.79
C ILE B 220 43.67 -6.62 4.01
N GLN B 221 43.86 -6.07 5.23
CA GLN B 221 43.53 -4.67 5.55
C GLN B 221 44.25 -3.72 4.60
N ASP B 222 45.55 -3.97 4.38
CA ASP B 222 46.39 -3.18 3.49
C ASP B 222 45.88 -3.17 2.05
N THR B 223 45.51 -4.35 1.53
CA THR B 223 44.95 -4.51 0.19
C THR B 223 43.65 -3.72 0.07
N ILE B 224 42.78 -3.79 1.10
CA ILE B 224 41.48 -3.11 1.13
C ILE B 224 41.69 -1.60 1.14
N LEU B 225 42.62 -1.12 2.00
CA LEU B 225 42.94 0.30 2.12
C LEU B 225 43.58 0.85 0.84
N ARG B 226 44.40 0.02 0.15
CA ARG B 226 45.03 0.37 -1.13
C ARG B 226 43.94 0.46 -2.20
N ALA B 227 42.99 -0.49 -2.19
CA ALA B 227 41.85 -0.52 -3.11
C ALA B 227 40.93 0.68 -2.89
N LEU B 228 40.74 1.09 -1.63
CA LEU B 228 39.92 2.24 -1.25
C LEU B 228 40.55 3.55 -1.74
N GLU B 229 41.89 3.71 -1.56
CA GLU B 229 42.63 4.90 -2.01
C GLU B 229 42.48 5.12 -3.51
N PHE B 230 42.73 4.05 -4.30
CA PHE B 230 42.65 4.06 -5.76
C PHE B 230 41.25 4.25 -6.31
N HIS B 231 40.24 3.87 -5.54
CA HIS B 231 38.83 4.03 -5.90
C HIS B 231 38.39 5.47 -5.63
N LEU B 232 38.84 6.06 -4.49
CA LEU B 232 38.53 7.43 -4.07
C LEU B 232 39.16 8.51 -4.98
N GLN B 233 40.26 8.18 -5.70
CA GLN B 233 40.89 9.12 -6.64
C GLN B 233 40.30 8.92 -8.04
N ALA B 234 39.48 7.86 -8.22
CA ALA B 234 38.80 7.52 -9.48
C ALA B 234 37.30 7.89 -9.49
N ASN B 235 36.67 7.90 -8.32
CA ASN B 235 35.24 8.19 -8.21
C ASN B 235 35.02 9.61 -7.68
N HIS B 236 36.01 10.14 -6.96
CA HIS B 236 35.99 11.48 -6.38
C HIS B 236 37.31 12.18 -6.75
N PRO B 237 37.49 12.66 -8.01
CA PRO B 237 38.79 13.25 -8.40
C PRO B 237 39.10 14.62 -7.82
N ASP B 238 38.05 15.44 -7.60
CA ASP B 238 38.13 16.80 -7.05
C ASP B 238 38.13 16.82 -5.50
N ALA B 239 38.11 15.62 -4.87
CA ALA B 239 38.08 15.44 -3.42
C ALA B 239 39.39 15.79 -2.71
N GLN B 240 39.37 16.84 -1.87
CA GLN B 240 40.52 17.26 -1.07
C GLN B 240 40.62 16.38 0.19
N TYR B 241 41.80 15.74 0.42
CA TYR B 241 42.12 14.91 1.59
C TYR B 241 41.09 13.81 1.95
N LEU B 242 40.42 13.16 0.97
CA LEU B 242 39.39 12.13 1.22
C LEU B 242 39.86 10.86 1.95
N PHE B 243 40.91 10.18 1.44
CA PHE B 243 41.45 8.97 2.06
C PHE B 243 41.89 9.17 3.51
N PRO B 244 42.65 10.24 3.90
CA PRO B 244 42.99 10.41 5.33
C PRO B 244 41.77 10.79 6.19
N LYS B 245 40.74 11.42 5.59
CA LYS B 245 39.52 11.83 6.29
C LYS B 245 38.69 10.61 6.72
N LEU B 246 38.64 9.59 5.85
CA LEU B 246 37.97 8.34 6.10
C LEU B 246 38.73 7.45 7.10
N LEU B 247 40.06 7.66 7.23
CA LEU B 247 40.89 6.92 8.20
C LEU B 247 40.66 7.51 9.58
N GLN B 248 40.40 8.83 9.65
CA GLN B 248 40.06 9.52 10.89
C GLN B 248 38.61 9.15 11.28
N LYS B 249 37.71 9.02 10.28
CA LYS B 249 36.32 8.63 10.51
C LYS B 249 36.23 7.21 11.12
N MET B 250 37.20 6.31 10.78
CA MET B 250 37.31 4.95 11.32
C MET B 250 37.70 5.01 12.80
N ALA B 251 38.61 5.94 13.15
CA ALA B 251 39.06 6.19 14.51
C ALA B 251 37.90 6.72 15.35
N ASP B 252 37.14 7.73 14.82
CA ASP B 252 35.97 8.34 15.47
C ASP B 252 34.93 7.29 15.75
N LEU B 253 34.72 6.35 14.79
CA LEU B 253 33.77 5.24 14.91
C LEU B 253 34.07 4.32 16.07
N ARG B 254 35.36 4.08 16.39
CA ARG B 254 35.78 3.25 17.51
C ARG B 254 35.41 3.93 18.83
N GLN B 255 35.54 5.26 18.88
CA GLN B 255 35.17 6.07 20.05
C GLN B 255 33.65 6.07 20.28
N LEU B 256 32.87 6.08 19.20
CA LEU B 256 31.40 6.05 19.24
C LEU B 256 30.87 4.70 19.76
N VAL B 257 31.57 3.59 19.43
CA VAL B 257 31.23 2.24 19.87
C VAL B 257 31.50 2.08 21.39
N THR B 258 32.63 2.65 21.87
CA THR B 258 33.01 2.66 23.29
C THR B 258 31.90 3.32 24.11
N GLU B 259 31.47 4.53 23.70
CA GLU B 259 30.38 5.27 24.34
C GLU B 259 29.10 4.43 24.32
N HIS B 260 28.81 3.76 23.17
CA HIS B 260 27.61 2.93 22.99
C HIS B 260 27.60 1.76 23.96
N ALA B 261 28.74 1.04 24.08
CA ALA B 261 28.90 -0.11 24.99
C ALA B 261 28.74 0.33 26.47
N GLN B 262 29.25 1.53 26.81
CA GLN B 262 29.12 2.17 28.13
C GLN B 262 27.64 2.45 28.43
N MET B 263 26.91 3.04 27.48
CA MET B 263 25.47 3.32 27.60
C MET B 263 24.74 2.00 27.77
N MET B 264 25.10 0.98 26.98
CA MET B 264 24.48 -0.35 27.01
C MET B 264 24.71 -1.09 28.31
N GLN B 265 25.84 -0.80 29.00
CA GLN B 265 26.18 -1.32 30.33
C GLN B 265 25.28 -0.63 31.36
N ARG B 266 25.13 0.70 31.24
CA ARG B 266 24.24 1.51 32.07
C ARG B 266 22.78 1.05 31.96
N ILE B 267 22.34 0.56 30.79
CA ILE B 267 20.97 0.04 30.57
C ILE B 267 20.81 -1.25 31.37
N LYS B 268 21.79 -2.18 31.30
CA LYS B 268 21.79 -3.47 32.04
C LYS B 268 21.79 -3.29 33.57
N LYS B 269 22.46 -2.24 34.07
CA LYS B 269 22.54 -1.88 35.48
C LYS B 269 21.22 -1.26 35.97
N THR B 270 20.81 -0.13 35.37
CA THR B 270 19.65 0.71 35.71
C THR B 270 18.29 0.10 35.37
N GLU B 271 18.15 -0.40 34.15
CA GLU B 271 16.90 -0.91 33.60
C GLU B 271 16.82 -2.45 33.65
N THR B 272 16.86 -2.99 34.89
CA THR B 272 16.81 -4.44 35.19
C THR B 272 15.37 -5.01 35.01
N GLU B 273 14.85 -4.98 33.77
CA GLU B 273 13.54 -5.45 33.32
C GLU B 273 13.45 -5.40 31.78
N THR B 274 14.38 -4.65 31.16
CA THR B 274 14.48 -4.56 29.70
C THR B 274 15.52 -5.59 29.28
N SER B 275 15.13 -6.48 28.35
CA SER B 275 15.95 -7.57 27.84
C SER B 275 16.96 -7.13 26.80
N LEU B 276 18.19 -7.61 26.93
CA LEU B 276 19.23 -7.33 25.97
C LEU B 276 19.51 -8.63 25.21
N HIS B 277 19.44 -8.59 23.87
CA HIS B 277 19.67 -9.75 23.01
C HIS B 277 21.02 -10.41 23.34
N PRO B 278 21.00 -11.73 23.60
CA PRO B 278 22.26 -12.43 23.98
C PRO B 278 23.46 -12.19 23.07
N LEU B 279 23.23 -12.05 21.75
CA LEU B 279 24.28 -11.77 20.77
C LEU B 279 24.93 -10.42 21.04
N LEU B 280 24.11 -9.38 21.36
CA LEU B 280 24.59 -8.02 21.66
C LEU B 280 25.26 -7.96 23.02
N GLN B 281 24.71 -8.67 24.02
CA GLN B 281 25.27 -8.81 25.37
C GLN B 281 26.69 -9.38 25.30
N GLU B 282 26.89 -10.39 24.41
CA GLU B 282 28.18 -11.02 24.17
C GLU B 282 29.21 -9.99 23.67
N ILE B 283 28.82 -9.12 22.69
CA ILE B 283 29.68 -8.08 22.12
C ILE B 283 30.13 -7.06 23.20
N TYR B 284 29.19 -6.47 23.97
CA TYR B 284 29.51 -5.48 25.02
C TYR B 284 30.20 -6.07 26.27
N LYS B 285 30.30 -7.43 26.34
CA LYS B 285 30.93 -8.21 27.41
C LYS B 285 32.44 -7.87 27.44
N ASP B 286 33.23 -8.38 26.46
CA ASP B 286 34.67 -8.14 26.37
C ASP B 286 35.02 -6.71 25.91
N MET B 287 34.03 -5.91 25.50
CA MET B 287 34.23 -4.54 25.04
C MET B 287 34.54 -3.57 26.20
C1 Z00 C . -32.63 -2.68 -13.31
S2 Z00 C . -32.48 -2.93 -15.03
O3 Z00 C . -31.64 -1.93 -15.63
O4 Z00 C . -32.37 -4.37 -15.19
N5 Z00 C . -34.03 -2.44 -15.41
C6 Z00 C . -34.86 -2.77 -9.36
C7 Z00 C . -33.47 -2.23 -9.15
C8 Z00 C . -33.04 -2.39 -10.56
C9 Z00 C . -32.41 -1.36 -11.29
C10 Z00 C . -32.17 -1.52 -12.66
C11 Z00 C . -33.28 -3.68 -12.59
C12 Z00 C . -33.47 -3.54 -11.23
C13 Z00 C . -35.17 -3.16 -15.50
S14 Z00 C . -35.47 -4.79 -15.11
C15 Z00 C . -37.12 -4.49 -15.47
N16 Z00 C . -37.36 -3.26 -15.87
N17 Z00 C . -36.22 -2.49 -15.87
C18 Z00 C . -38.15 -5.55 -15.32
C19 Z00 C . -37.56 -6.97 -15.44
C20 Z00 C . -39.34 -5.33 -16.25
C21 Z00 C . -39.02 -2.95 -7.10
C22 Z00 C . -39.61 -4.04 -7.68
C23 Z00 C . -37.04 -3.27 -8.26
N24 Z00 C . -37.77 -2.56 -7.37
C25 Z00 C . -37.56 -4.45 -8.88
C26 Z00 C . -38.86 -4.81 -8.57
N27 Z00 C . -35.86 -2.64 -8.39
C28 Z00 C . -40.97 -4.37 -7.34
F29 Z00 C . -41.37 -5.55 -7.87
F30 Z00 C . -41.85 -3.43 -7.78
F31 Z00 C . -41.09 -4.41 -6.00
CL Z00 C . -36.77 -5.54 -10.00
C1 BOG D . -28.64 16.25 -9.30
O1 BOG D . -27.76 16.15 -10.52
C2 BOG D . -27.86 16.99 -8.07
O2 BOG D . -26.45 17.39 -8.53
C3 BOG D . -28.41 17.33 -6.54
O3 BOG D . -27.65 18.47 -5.79
C4 BOG D . -30.15 17.23 -6.54
O4 BOG D . -30.69 17.20 -5.10
C5 BOG D . -31.00 16.17 -7.72
O5 BOG D . -30.24 15.83 -9.07
C6 BOG D . -32.63 16.44 -7.97
O6 BOG D . -33.17 16.25 -9.35
C1' BOG D . -27.31 14.85 -10.46
C2' BOG D . -27.33 14.64 -11.96
C3' BOG D . -27.52 13.53 -12.94
C4' BOG D . -26.96 13.88 -14.38
C5' BOG D . -27.08 12.97 -15.66
C6' BOG D . -26.61 13.12 -17.09
C7' BOG D . -26.55 11.86 -18.04
C8' BOG D . -26.90 12.08 -19.54
C1 Z00 E . 20.59 2.22 16.56
S2 Z00 E . 21.58 2.51 17.98
O3 Z00 E . 22.67 1.58 18.00
O4 Z00 E . 21.65 3.95 18.08
N5 Z00 E . 20.49 1.91 19.10
C6 Z00 E . 16.65 1.83 14.39
C7 Z00 E . 17.78 1.55 13.42
C8 Z00 E . 18.86 1.80 14.43
C9 Z00 E . 19.88 0.86 14.69
C10 Z00 E . 20.77 1.09 15.76
C11 Z00 E . 19.58 3.13 16.30
C12 Z00 E . 18.73 2.93 15.25
C13 Z00 E . 19.44 2.47 19.75
S14 Z00 E . 18.68 3.99 19.57
C15 Z00 E . 17.52 3.46 20.74
N16 Z00 E . 17.74 2.25 21.19
N17 Z00 E . 18.86 1.67 20.60
C18 Z00 E . 16.33 4.29 21.17
C19 Z00 E . 16.54 5.79 20.93
C20 Z00 E . 15.96 3.99 22.61
C21 Z00 E . 11.91 1.80 14.60
C22 Z00 E . 11.66 2.88 15.41
C23 Z00 E . 14.19 2.20 14.59
N24 Z00 E . 13.14 1.46 14.20
C25 Z00 E . 14.01 3.36 15.41
C26 Z00 E . 12.71 3.67 15.82
N27 Z00 E . 15.31 1.61 14.09
C28 Z00 E . 10.28 3.17 15.78
F29 Z00 E . 10.15 4.43 16.26
F30 Z00 E . 9.77 2.32 16.72
F31 Z00 E . 9.48 3.05 14.69
CL Z00 E . 15.22 4.47 16.00
C1 BOG F . 22.65 -16.20 9.27
O1 BOG F . 24.09 -16.44 9.81
C2 BOG F . 22.08 -17.23 8.14
O2 BOG F . 23.17 -18.19 7.76
C3 BOG F . 20.60 -17.32 7.41
O3 BOG F . 20.06 -18.74 7.46
C4 BOG F . 19.63 -15.95 7.85
O4 BOG F . 18.26 -15.74 7.13
C5 BOG F . 20.65 -14.56 8.09
O5 BOG F . 21.64 -14.89 9.30
C6 BOG F . 19.90 -13.08 7.99
O6 BOG F . 20.33 -12.09 6.96
C1' BOG F . 24.92 -15.32 9.84
C2' BOG F . 25.19 -15.12 11.35
C3' BOG F . 25.47 -13.87 12.14
C4' BOG F . 26.32 -13.96 13.50
C5' BOG F . 27.80 -13.46 13.78
C6' BOG F . 28.66 -13.51 15.04
C7' BOG F . 29.28 -12.16 15.57
C8' BOG F . 29.35 -12.01 17.10
#